data_4B8J
#
_entry.id   4B8J
#
_cell.length_a   134.252
_cell.length_b   72.736
_cell.length_c   62.425
_cell.angle_alpha   90.00
_cell.angle_beta   91.18
_cell.angle_gamma   90.00
#
_symmetry.space_group_name_H-M   'C 1 2 1'
#
loop_
_entity.id
_entity.type
_entity.pdbx_description
1 polymer 'IMPORTIN SUBUNIT ALPHA-1A'
2 water water
#
_entity_poly.entity_id   1
_entity_poly.type   'polypeptide(L)'
_entity_poly.pdbx_seq_one_letter_code
;GSMSLRPSERVEVRRNRYKVAVDAEEGRRRREDNMVEIRKSRREESLLKKRREGLQAQAPVPASAATGVDKKLESLPAMI
GGVYSDDNNLQLEATTQFRKLLSIERSPPIEEVIQSGVVPRFVQFLTREDFPQLQFEAAWALTNIASGTSENTKVVIDHG
AVPIFVKLLGSSSDDVREQAVWALGNVAGDSPKCRDLVLANGALLPLLAQLNEHTKLSMLRNATWTLSNFCRGKPQPSFE
QTRPALPALARLIHSNDEEVLTDACWALSYLSDGTNDKIQAVIEAGVCPRLVELLLHPSPSVLIPALRTVGNIVTGDDAQ
TQCIIDHQALPCLLSLLTQNLKKSIKKEACWTISNITAGNKDQIQAVINAGIIGPLVNLLQTAEFDIKKEAAWAISNATS
GGSHDQIKYLVSEGCIKPLCDLLICPDIRIVTVCLEGLENILKVGETDKTLAAGDVNVFSQMIDEAEGLEKIENLQSHDN
NEIYEKAVKILEAYWMDEEDDTMGATTVAAPQGATFDFGQGGGAAQFK
;
_entity_poly.pdbx_strand_id   A
#
# COMPACT_ATOMS: atom_id res chain seq x y z
N GLY A 27 17.34 11.47 1.19
CA GLY A 27 16.05 12.13 1.16
C GLY A 27 14.90 11.18 0.88
N ARG A 28 15.24 9.91 0.58
CA ARG A 28 14.22 8.91 0.24
C ARG A 28 13.44 8.55 1.49
N ARG A 29 12.12 8.56 1.38
CA ARG A 29 11.27 8.39 2.53
C ARG A 29 10.42 7.14 2.46
N ARG A 30 10.76 6.13 3.26
CA ARG A 30 9.94 4.95 3.36
C ARG A 30 8.61 5.40 3.91
N ARG A 31 7.58 4.63 3.60
CA ARG A 31 6.29 4.64 4.28
C ARG A 31 5.31 3.84 3.44
N LYS A 49 -12.49 -8.43 6.96
CA LYS A 49 -13.06 -9.78 6.93
C LYS A 49 -14.27 -9.88 6.00
N LYS A 50 -14.65 -11.11 5.69
CA LYS A 50 -15.85 -11.43 4.94
C LYS A 50 -15.72 -11.30 3.42
N ARG A 51 -15.41 -10.11 2.91
CA ARG A 51 -15.43 -9.88 1.45
C ARG A 51 -14.66 -10.93 0.64
N ARG A 52 -15.33 -11.55 -0.31
CA ARG A 52 -14.74 -12.68 -1.01
C ARG A 52 -13.86 -12.19 -2.12
N SER A 75 -36.73 -22.35 17.21
CA SER A 75 -36.24 -23.30 16.23
C SER A 75 -34.80 -23.70 16.54
N LEU A 76 -34.13 -22.89 17.36
CA LEU A 76 -32.75 -23.17 17.71
C LEU A 76 -32.61 -24.54 18.35
N PRO A 77 -33.51 -24.87 19.31
CA PRO A 77 -33.37 -26.19 19.95
C PRO A 77 -33.47 -27.34 18.96
N ALA A 78 -34.30 -27.20 17.93
CA ALA A 78 -34.47 -28.24 16.91
C ALA A 78 -33.22 -28.32 16.04
N MET A 79 -32.61 -27.18 15.79
CA MET A 79 -31.37 -27.13 15.02
C MET A 79 -30.25 -27.78 15.80
N ILE A 80 -30.16 -27.47 17.09
CA ILE A 80 -29.13 -28.05 17.93
C ILE A 80 -29.26 -29.58 17.92
N GLY A 81 -30.49 -30.06 18.10
CA GLY A 81 -30.77 -31.47 18.08
C GLY A 81 -30.42 -32.13 16.75
N GLY A 82 -30.76 -31.47 15.66
CA GLY A 82 -30.40 -31.95 14.33
C GLY A 82 -28.90 -32.11 14.16
N VAL A 83 -28.16 -31.09 14.56
CA VAL A 83 -26.71 -31.09 14.41
C VAL A 83 -26.09 -32.22 15.22
N TYR A 84 -26.70 -32.53 16.36
CA TYR A 84 -26.18 -33.55 17.26
C TYR A 84 -26.73 -34.94 16.98
N SER A 85 -27.61 -35.01 15.99
CA SER A 85 -28.17 -36.28 15.55
C SER A 85 -27.10 -37.05 14.80
N ASP A 86 -27.37 -38.31 14.51
CA ASP A 86 -26.45 -39.11 13.70
C ASP A 86 -27.11 -39.49 12.38
N ASP A 87 -28.11 -38.73 12.01
CA ASP A 87 -28.81 -38.88 10.74
C ASP A 87 -28.24 -37.87 9.72
N ASN A 88 -27.69 -38.34 8.62
CA ASN A 88 -27.04 -37.47 7.64
C ASN A 88 -27.96 -36.34 7.19
N ASN A 89 -29.20 -36.66 6.85
CA ASN A 89 -30.11 -35.65 6.32
C ASN A 89 -30.45 -34.58 7.36
N LEU A 90 -30.53 -34.95 8.64
CA LEU A 90 -30.84 -33.99 9.69
C LEU A 90 -29.63 -33.12 10.01
N GLN A 91 -28.46 -33.74 9.99
CA GLN A 91 -27.19 -33.06 10.20
C GLN A 91 -27.06 -31.96 9.16
N LEU A 92 -27.22 -32.35 7.90
CA LEU A 92 -27.11 -31.40 6.79
C LEU A 92 -28.15 -30.32 6.87
N GLU A 93 -29.40 -30.69 7.15
CA GLU A 93 -30.50 -29.72 7.19
C GLU A 93 -30.28 -28.69 8.30
N ALA A 94 -29.89 -29.16 9.49
CA ALA A 94 -29.67 -28.27 10.62
C ALA A 94 -28.42 -27.37 10.41
N THR A 95 -27.35 -27.93 9.84
CA THR A 95 -26.12 -27.13 9.60
C THR A 95 -26.40 -26.02 8.58
N THR A 96 -27.16 -26.35 7.55
CA THR A 96 -27.57 -25.36 6.57
C THR A 96 -28.38 -24.25 7.23
N GLN A 97 -29.28 -24.64 8.12
CA GLN A 97 -30.09 -23.69 8.86
C GLN A 97 -29.18 -22.80 9.71
N PHE A 98 -28.19 -23.39 10.36
CA PHE A 98 -27.24 -22.59 11.12
C PHE A 98 -26.46 -21.65 10.22
N ARG A 99 -26.06 -22.13 9.04
CA ARG A 99 -25.30 -21.26 8.15
C ARG A 99 -26.11 -20.01 7.81
N LYS A 100 -27.38 -20.24 7.49
CA LYS A 100 -28.24 -19.14 7.02
C LYS A 100 -28.50 -18.15 8.15
N LEU A 101 -28.79 -18.67 9.34
CA LEU A 101 -28.93 -17.84 10.51
C LEU A 101 -27.68 -16.98 10.68
N LEU A 102 -26.53 -17.61 10.51
CA LEU A 102 -25.28 -16.94 10.73
C LEU A 102 -24.92 -16.00 9.57
N SER A 103 -25.67 -16.08 8.48
CA SER A 103 -25.41 -15.24 7.30
C SER A 103 -26.08 -13.87 7.28
N ILE A 104 -26.96 -13.59 8.23
CA ILE A 104 -27.86 -12.45 8.06
C ILE A 104 -27.14 -11.09 7.94
N GLU A 105 -27.83 -10.17 7.26
CA GLU A 105 -27.25 -8.90 6.79
C GLU A 105 -26.56 -8.11 7.91
N ARG A 106 -27.28 -7.91 9.01
CA ARG A 106 -26.81 -7.07 10.12
C ARG A 106 -27.01 -7.77 11.46
N SER A 107 -26.04 -7.60 12.35
CA SER A 107 -26.10 -8.14 13.71
C SER A 107 -26.46 -9.63 13.75
N PRO A 108 -25.63 -10.49 13.13
CA PRO A 108 -25.91 -11.94 13.15
C PRO A 108 -25.70 -12.48 14.57
N PRO A 109 -26.51 -13.48 14.97
CA PRO A 109 -26.48 -14.01 16.34
C PRO A 109 -25.35 -15.02 16.57
N ILE A 110 -24.12 -14.57 16.35
CA ILE A 110 -22.95 -15.44 16.46
C ILE A 110 -22.77 -15.90 17.91
N GLU A 111 -22.96 -14.97 18.85
CA GLU A 111 -22.72 -15.25 20.27
C GLU A 111 -23.69 -16.29 20.83
N GLU A 112 -24.88 -16.34 20.24
CA GLU A 112 -25.92 -17.27 20.67
C GLU A 112 -25.57 -18.70 20.22
N VAL A 113 -25.13 -18.83 18.99
CA VAL A 113 -24.77 -20.12 18.42
C VAL A 113 -23.58 -20.73 19.15
N ILE A 114 -22.60 -19.90 19.47
CA ILE A 114 -21.43 -20.38 20.20
C ILE A 114 -21.83 -21.02 21.53
N GLN A 115 -22.73 -20.38 22.26
CA GLN A 115 -23.09 -20.85 23.59
C GLN A 115 -23.79 -22.21 23.57
N SER A 116 -24.43 -22.54 22.46
CA SER A 116 -25.13 -23.83 22.30
C SER A 116 -24.19 -25.03 22.19
N GLY A 117 -22.91 -24.77 21.91
CA GLY A 117 -21.94 -25.85 21.82
C GLY A 117 -21.78 -26.53 20.47
N VAL A 118 -22.23 -25.90 19.40
CA VAL A 118 -22.14 -26.51 18.08
C VAL A 118 -20.81 -26.34 17.34
N VAL A 119 -19.95 -25.44 17.80
CA VAL A 119 -18.68 -25.22 17.11
C VAL A 119 -17.86 -26.52 16.97
N PRO A 120 -17.67 -27.25 18.05
CA PRO A 120 -16.90 -28.49 17.95
C PRO A 120 -17.55 -29.51 17.00
N ARG A 121 -18.86 -29.46 16.90
CA ARG A 121 -19.58 -30.33 16.00
C ARG A 121 -19.32 -29.95 14.56
N PHE A 122 -19.40 -28.67 14.27
CA PHE A 122 -19.12 -28.17 12.94
C PHE A 122 -17.71 -28.58 12.52
N VAL A 123 -16.79 -28.45 13.46
CA VAL A 123 -15.41 -28.84 13.20
C VAL A 123 -15.33 -30.32 12.87
N GLN A 124 -16.05 -31.15 13.62
CA GLN A 124 -16.15 -32.57 13.30
C GLN A 124 -16.67 -32.76 11.89
N PHE A 125 -17.72 -32.05 11.53
CA PHE A 125 -18.28 -32.17 10.20
C PHE A 125 -17.25 -31.88 9.10
N LEU A 126 -16.28 -31.03 9.40
CA LEU A 126 -15.28 -30.69 8.38
C LEU A 126 -14.50 -31.91 7.91
N THR A 127 -14.38 -32.91 8.78
CA THR A 127 -13.57 -34.09 8.48
C THR A 127 -14.41 -35.17 7.76
N ARG A 128 -15.68 -34.91 7.49
CA ARG A 128 -16.55 -35.90 6.85
C ARG A 128 -16.33 -35.95 5.36
N GLU A 129 -15.27 -36.61 4.94
CA GLU A 129 -14.87 -36.62 3.53
C GLU A 129 -15.88 -37.32 2.64
N ASP A 130 -16.69 -38.18 3.24
CA ASP A 130 -17.74 -38.90 2.55
C ASP A 130 -18.92 -37.98 2.24
N PHE A 131 -18.95 -36.80 2.86
CA PHE A 131 -20.16 -35.96 2.83
C PHE A 131 -19.81 -34.51 2.53
N PRO A 132 -19.30 -34.25 1.32
CA PRO A 132 -18.82 -32.91 0.98
C PRO A 132 -19.84 -31.81 1.17
N GLN A 133 -21.10 -32.10 0.93
CA GLN A 133 -22.14 -31.10 1.17
C GLN A 133 -22.18 -30.63 2.63
N LEU A 134 -21.98 -31.55 3.56
CA LEU A 134 -21.97 -31.22 4.97
C LEU A 134 -20.67 -30.46 5.31
N GLN A 135 -19.55 -30.88 4.73
CA GLN A 135 -18.30 -30.17 4.93
C GLN A 135 -18.46 -28.71 4.53
N PHE A 136 -19.10 -28.51 3.40
CA PHE A 136 -19.29 -27.19 2.82
C PHE A 136 -20.13 -26.30 3.72
N GLU A 137 -21.25 -26.81 4.21
CA GLU A 137 -22.14 -26.00 5.05
C GLU A 137 -21.52 -25.70 6.40
N ALA A 138 -20.85 -26.71 6.97
CA ALA A 138 -20.16 -26.55 8.24
C ALA A 138 -19.04 -25.51 8.14
N ALA A 139 -18.25 -25.59 7.08
CA ALA A 139 -17.18 -24.59 6.81
C ALA A 139 -17.75 -23.17 6.78
N TRP A 140 -18.84 -23.00 6.05
CA TRP A 140 -19.49 -21.71 5.89
C TRP A 140 -19.97 -21.19 7.25
N ALA A 141 -20.61 -22.08 8.00
CA ALA A 141 -21.10 -21.71 9.30
C ALA A 141 -19.95 -21.25 10.20
N LEU A 142 -18.86 -22.02 10.20
CA LEU A 142 -17.69 -21.69 11.01
C LEU A 142 -17.07 -20.35 10.61
N THR A 143 -16.96 -20.13 9.31
CA THR A 143 -16.37 -18.89 8.82
C THR A 143 -17.25 -17.70 9.17
N ASN A 144 -18.56 -17.90 9.13
CA ASN A 144 -19.46 -16.83 9.53
C ASN A 144 -19.26 -16.51 11.00
N ILE A 145 -19.02 -17.54 11.81
CA ILE A 145 -18.70 -17.30 13.20
C ILE A 145 -17.36 -16.56 13.35
N ALA A 146 -16.36 -17.00 12.61
CA ALA A 146 -15.02 -16.43 12.67
C ALA A 146 -14.92 -15.02 12.07
N SER A 147 -15.89 -14.64 11.27
CA SER A 147 -15.92 -13.32 10.63
C SER A 147 -16.46 -12.26 11.60
N GLY A 148 -16.88 -12.69 12.78
CA GLY A 148 -17.35 -11.78 13.81
C GLY A 148 -16.19 -11.14 14.56
N THR A 149 -16.35 -11.06 15.86
CA THR A 149 -15.37 -10.41 16.68
C THR A 149 -14.14 -11.29 16.78
N SER A 150 -13.08 -10.73 17.33
CA SER A 150 -11.88 -11.49 17.59
C SER A 150 -12.17 -12.61 18.58
N GLU A 151 -13.10 -12.40 19.50
CA GLU A 151 -13.39 -13.42 20.49
C GLU A 151 -14.04 -14.63 19.82
N ASN A 152 -14.87 -14.36 18.83
CA ASN A 152 -15.54 -15.40 18.06
C ASN A 152 -14.50 -16.20 17.27
N THR A 153 -13.58 -15.48 16.65
CA THR A 153 -12.50 -16.10 15.88
C THR A 153 -11.68 -17.03 16.80
N LYS A 154 -11.41 -16.59 18.02
CA LYS A 154 -10.67 -17.41 18.96
C LYS A 154 -11.39 -18.72 19.27
N VAL A 155 -12.72 -18.69 19.35
CA VAL A 155 -13.45 -19.93 19.63
C VAL A 155 -13.21 -20.98 18.53
N VAL A 156 -13.25 -20.53 17.28
CA VAL A 156 -13.02 -21.40 16.14
C VAL A 156 -11.58 -21.93 16.15
N ILE A 157 -10.62 -21.06 16.43
CA ILE A 157 -9.21 -21.47 16.56
C ILE A 157 -9.03 -22.50 17.68
N ASP A 158 -9.65 -22.23 18.83
CA ASP A 158 -9.53 -23.08 20.02
C ASP A 158 -9.99 -24.51 19.75
N HIS A 159 -10.90 -24.66 18.79
CA HIS A 159 -11.47 -25.94 18.44
C HIS A 159 -10.80 -26.62 17.28
N GLY A 160 -9.61 -26.12 16.95
CA GLY A 160 -8.71 -26.82 16.04
C GLY A 160 -9.07 -26.72 14.57
N ALA A 161 -9.85 -25.71 14.20
CA ALA A 161 -10.30 -25.58 12.83
C ALA A 161 -9.18 -25.26 11.86
N VAL A 162 -8.15 -24.53 12.32
CA VAL A 162 -7.17 -24.09 11.34
C VAL A 162 -6.46 -25.21 10.59
N PRO A 163 -5.87 -26.19 11.29
CA PRO A 163 -5.24 -27.27 10.52
C PRO A 163 -6.22 -28.04 9.67
N ILE A 164 -7.48 -28.10 10.09
CA ILE A 164 -8.48 -28.85 9.31
C ILE A 164 -8.83 -28.08 8.01
N PHE A 165 -8.94 -26.76 8.09
CA PHE A 165 -9.13 -25.96 6.90
C PHE A 165 -7.95 -26.12 5.93
N VAL A 166 -6.74 -26.19 6.46
CA VAL A 166 -5.57 -26.37 5.63
C VAL A 166 -5.68 -27.71 4.90
N LYS A 167 -6.05 -28.76 5.63
CA LYS A 167 -6.23 -30.06 5.00
C LYS A 167 -7.30 -30.01 3.89
N LEU A 168 -8.38 -29.27 4.12
CA LEU A 168 -9.44 -29.17 3.14
C LEU A 168 -9.03 -28.42 1.86
N LEU A 169 -7.88 -27.78 1.87
CA LEU A 169 -7.37 -27.19 0.63
C LEU A 169 -7.03 -28.28 -0.39
N GLY A 170 -6.98 -29.54 0.07
CA GLY A 170 -6.71 -30.66 -0.80
C GLY A 170 -7.98 -31.44 -1.16
N SER A 171 -9.14 -30.92 -0.78
CA SER A 171 -10.39 -31.60 -1.06
C SER A 171 -10.63 -31.72 -2.57
N SER A 172 -11.19 -32.84 -3.00
CA SER A 172 -11.53 -33.03 -4.40
C SER A 172 -12.75 -32.19 -4.78
N SER A 173 -13.50 -31.71 -3.80
CA SER A 173 -14.61 -30.82 -4.08
C SER A 173 -14.16 -29.37 -4.23
N ASP A 174 -14.41 -28.78 -5.41
CA ASP A 174 -14.07 -27.37 -5.65
C ASP A 174 -14.72 -26.43 -4.64
N ASP A 175 -15.99 -26.68 -4.34
CA ASP A 175 -16.75 -25.86 -3.40
C ASP A 175 -16.16 -25.91 -1.99
N VAL A 176 -15.76 -27.10 -1.54
CA VAL A 176 -15.14 -27.22 -0.24
C VAL A 176 -13.79 -26.51 -0.22
N ARG A 177 -12.99 -26.68 -1.28
CA ARG A 177 -11.71 -26.00 -1.32
C ARG A 177 -11.90 -24.50 -1.21
N GLU A 178 -12.91 -23.98 -1.91
CA GLU A 178 -13.15 -22.54 -1.92
C GLU A 178 -13.55 -22.03 -0.54
N GLN A 179 -14.41 -22.79 0.14
CA GLN A 179 -14.79 -22.47 1.49
C GLN A 179 -13.60 -22.42 2.43
N ALA A 180 -12.69 -23.38 2.26
CA ALA A 180 -11.49 -23.48 3.07
C ALA A 180 -10.58 -22.24 2.83
N VAL A 181 -10.45 -21.85 1.57
CA VAL A 181 -9.66 -20.67 1.22
C VAL A 181 -10.26 -19.44 1.88
N TRP A 182 -11.57 -19.34 1.80
CA TRP A 182 -12.25 -18.20 2.38
C TRP A 182 -12.14 -18.21 3.92
N ALA A 183 -12.29 -19.39 4.51
CA ALA A 183 -12.15 -19.52 5.97
C ALA A 183 -10.79 -19.02 6.44
N LEU A 184 -9.75 -19.43 5.74
CA LEU A 184 -8.39 -19.12 6.18
C LEU A 184 -8.07 -17.63 6.01
N GLY A 185 -8.63 -17.01 4.98
CA GLY A 185 -8.48 -15.58 4.80
C GLY A 185 -9.14 -14.80 5.90
N ASN A 186 -10.33 -15.25 6.31
CA ASN A 186 -11.04 -14.62 7.41
C ASN A 186 -10.28 -14.78 8.69
N VAL A 187 -9.79 -15.99 8.98
CA VAL A 187 -8.99 -16.13 10.19
C VAL A 187 -7.74 -15.24 10.15
N ALA A 188 -7.02 -15.28 9.03
CA ALA A 188 -5.78 -14.53 8.90
C ALA A 188 -6.06 -13.03 9.01
N GLY A 189 -7.21 -12.61 8.52
CA GLY A 189 -7.59 -11.21 8.55
C GLY A 189 -7.84 -10.65 9.93
N ASP A 190 -7.97 -11.50 10.94
CA ASP A 190 -8.35 -11.02 12.26
C ASP A 190 -7.27 -10.21 12.95
N SER A 191 -6.02 -10.61 12.78
CA SER A 191 -4.91 -9.94 13.44
C SER A 191 -3.63 -10.54 12.94
N PRO A 192 -2.52 -9.84 13.17
CA PRO A 192 -1.22 -10.39 12.81
C PRO A 192 -0.90 -11.72 13.47
N LYS A 193 -1.29 -11.91 14.72
CA LYS A 193 -1.11 -13.22 15.36
C LYS A 193 -1.91 -14.33 14.64
N CYS A 194 -3.16 -14.07 14.32
CA CYS A 194 -3.97 -15.05 13.61
C CYS A 194 -3.41 -15.33 12.21
N ARG A 195 -3.03 -14.28 11.49
CA ARG A 195 -2.30 -14.41 10.26
C ARG A 195 -1.09 -15.34 10.39
N ASP A 196 -0.23 -15.07 11.38
CA ASP A 196 0.95 -15.87 11.60
C ASP A 196 0.61 -17.34 11.94
N LEU A 197 -0.47 -17.56 12.67
CA LEU A 197 -0.94 -18.90 12.99
C LEU A 197 -1.38 -19.65 11.73
N VAL A 198 -2.07 -18.94 10.86
CA VAL A 198 -2.50 -19.56 9.61
C VAL A 198 -1.29 -19.98 8.78
N LEU A 199 -0.32 -19.09 8.67
CA LEU A 199 0.91 -19.39 7.95
C LEU A 199 1.70 -20.54 8.59
N ALA A 200 1.80 -20.52 9.92
CA ALA A 200 2.57 -21.54 10.64
C ALA A 200 1.94 -22.93 10.49
N ASN A 201 0.65 -22.98 10.19
CA ASN A 201 -0.05 -24.26 9.97
C ASN A 201 0.05 -24.73 8.53
N GLY A 202 0.87 -24.02 7.75
CA GLY A 202 1.22 -24.48 6.42
C GLY A 202 0.14 -24.20 5.39
N ALA A 203 -0.60 -23.11 5.55
CA ALA A 203 -1.67 -22.75 4.59
C ALA A 203 -1.20 -22.38 3.21
N LEU A 204 -0.04 -21.77 3.08
CA LEU A 204 0.24 -21.06 1.82
C LEU A 204 0.47 -22.01 0.64
N LEU A 205 1.33 -22.98 0.84
CA LEU A 205 1.74 -23.82 -0.26
C LEU A 205 0.54 -24.60 -0.82
N PRO A 206 -0.29 -25.20 0.05
CA PRO A 206 -1.46 -25.88 -0.54
C PRO A 206 -2.48 -24.93 -1.16
N LEU A 207 -2.56 -23.72 -0.63
CA LEU A 207 -3.42 -22.70 -1.21
C LEU A 207 -2.95 -22.43 -2.63
N LEU A 208 -1.63 -22.28 -2.80
CA LEU A 208 -1.05 -21.98 -4.10
C LEU A 208 -1.13 -23.17 -5.05
N ALA A 209 -0.93 -24.36 -4.51
CA ALA A 209 -0.86 -25.60 -5.28
C ALA A 209 -2.10 -25.92 -6.10
N GLN A 210 -3.26 -25.51 -5.61
CA GLN A 210 -4.49 -25.82 -6.31
C GLN A 210 -4.97 -24.63 -7.15
N LEU A 211 -4.08 -23.69 -7.39
CA LEU A 211 -4.28 -22.64 -8.38
C LEU A 211 -3.50 -23.00 -9.63
N ASN A 212 -4.15 -22.90 -10.78
CA ASN A 212 -3.48 -23.17 -12.03
C ASN A 212 -4.12 -22.43 -13.19
N GLU A 213 -3.69 -22.74 -14.40
CA GLU A 213 -4.21 -22.06 -15.60
C GLU A 213 -5.73 -22.15 -15.75
N HIS A 214 -6.31 -23.26 -15.30
CA HIS A 214 -7.73 -23.52 -15.47
C HIS A 214 -8.62 -23.02 -14.33
N THR A 215 -8.03 -22.55 -13.24
CA THR A 215 -8.83 -22.19 -12.07
C THR A 215 -9.95 -21.22 -12.40
N LYS A 216 -11.15 -21.49 -11.89
CA LYS A 216 -12.28 -20.60 -12.14
C LYS A 216 -12.16 -19.26 -11.41
N LEU A 217 -12.85 -18.25 -11.94
CA LEU A 217 -12.75 -16.89 -11.43
C LEU A 217 -13.15 -16.76 -9.96
N SER A 218 -14.19 -17.46 -9.50
CA SER A 218 -14.57 -17.36 -8.11
C SER A 218 -13.45 -17.81 -7.18
N MET A 219 -12.74 -18.86 -7.55
CA MET A 219 -11.60 -19.31 -6.76
C MET A 219 -10.43 -18.34 -6.87
N LEU A 220 -10.14 -17.86 -8.08
CA LEU A 220 -9.07 -16.86 -8.25
C LEU A 220 -9.31 -15.65 -7.36
N ARG A 221 -10.55 -15.21 -7.30
CA ARG A 221 -10.90 -14.07 -6.47
C ARG A 221 -10.73 -14.36 -4.96
N ASN A 222 -11.26 -15.50 -4.52
CA ASN A 222 -11.15 -15.84 -3.10
C ASN A 222 -9.72 -16.02 -2.69
N ALA A 223 -8.96 -16.70 -3.54
CA ALA A 223 -7.57 -16.99 -3.25
C ALA A 223 -6.74 -15.72 -3.16
N THR A 224 -6.95 -14.80 -4.08
CA THR A 224 -6.18 -13.58 -4.12
C THR A 224 -6.48 -12.72 -2.88
N TRP A 225 -7.74 -12.66 -2.50
CA TRP A 225 -8.13 -11.95 -1.28
C TRP A 225 -7.47 -12.58 -0.07
N THR A 226 -7.51 -13.91 0.00
CA THR A 226 -6.84 -14.60 1.11
C THR A 226 -5.35 -14.34 1.15
N LEU A 227 -4.70 -14.42 -0.01
CA LEU A 227 -3.29 -14.10 -0.08
C LEU A 227 -3.00 -12.70 0.43
N SER A 228 -3.87 -11.75 0.08
CA SER A 228 -3.67 -10.40 0.54
C SER A 228 -3.72 -10.35 2.08
N ASN A 229 -4.70 -11.05 2.67
CA ASN A 229 -4.76 -11.15 4.13
C ASN A 229 -3.56 -11.83 4.73
N PHE A 230 -2.93 -12.75 3.98
CA PHE A 230 -1.74 -13.41 4.47
C PHE A 230 -0.53 -12.43 4.55
N CYS A 231 -0.54 -11.40 3.70
CA CYS A 231 0.58 -10.45 3.59
C CYS A 231 0.40 -9.17 4.42
N ARG A 232 -0.83 -8.93 4.82
CA ARG A 232 -1.21 -7.66 5.39
C ARG A 232 -0.84 -7.58 6.86
N GLY A 233 -0.77 -6.38 7.37
CA GLY A 233 -0.69 -6.17 8.81
C GLY A 233 0.68 -5.77 9.34
N LYS A 234 0.67 -5.14 10.51
CA LYS A 234 1.86 -4.73 11.23
C LYS A 234 1.78 -5.30 12.65
N PRO A 235 2.85 -5.97 13.10
CA PRO A 235 4.11 -6.25 12.41
C PRO A 235 3.90 -7.10 11.19
N GLN A 236 4.83 -6.99 10.25
CA GLN A 236 4.71 -7.66 8.97
C GLN A 236 4.98 -9.13 9.14
N PRO A 237 4.42 -9.95 8.25
CA PRO A 237 4.68 -11.38 8.38
C PRO A 237 6.09 -11.66 7.95
N SER A 238 6.62 -12.78 8.38
CA SER A 238 7.94 -13.22 7.96
C SER A 238 7.99 -13.24 6.46
N PHE A 239 8.97 -12.56 5.89
CA PHE A 239 9.13 -12.53 4.45
C PHE A 239 9.37 -13.93 3.85
N GLU A 240 10.09 -14.77 4.58
CA GLU A 240 10.34 -16.11 4.10
C GLU A 240 9.04 -16.91 4.05
N GLN A 241 8.11 -16.55 4.91
CA GLN A 241 6.82 -17.21 4.96
C GLN A 241 5.91 -16.80 3.81
N THR A 242 6.11 -15.60 3.26
CA THR A 242 5.23 -15.09 2.21
C THR A 242 5.83 -15.14 0.81
N ARG A 243 7.14 -15.33 0.74
CA ARG A 243 7.87 -15.38 -0.51
C ARG A 243 7.22 -16.23 -1.60
N PRO A 244 6.74 -17.41 -1.24
CA PRO A 244 6.15 -18.31 -2.24
C PRO A 244 4.99 -17.65 -2.97
N ALA A 245 4.39 -16.63 -2.38
CA ALA A 245 3.26 -15.94 -2.98
C ALA A 245 3.65 -15.04 -4.16
N LEU A 246 4.92 -14.65 -4.22
CA LEU A 246 5.35 -13.67 -5.21
C LEU A 246 5.10 -14.08 -6.68
N PRO A 247 5.57 -15.26 -7.09
CA PRO A 247 5.33 -15.72 -8.46
C PRO A 247 3.84 -15.78 -8.81
N ALA A 248 2.99 -16.16 -7.87
CA ALA A 248 1.56 -16.26 -8.14
C ALA A 248 0.97 -14.84 -8.29
N LEU A 249 1.33 -13.96 -7.39
CA LEU A 249 0.84 -12.59 -7.46
C LEU A 249 1.32 -11.91 -8.72
N ALA A 250 2.55 -12.19 -9.14
CA ALA A 250 3.08 -11.67 -10.39
C ALA A 250 2.27 -12.12 -11.61
N ARG A 251 1.71 -13.33 -11.57
CA ARG A 251 0.80 -13.78 -12.60
C ARG A 251 -0.59 -13.18 -12.41
N LEU A 252 -1.04 -13.11 -11.15
CA LEU A 252 -2.39 -12.57 -10.88
C LEU A 252 -2.60 -11.12 -11.31
N ILE A 253 -1.54 -10.32 -11.28
CA ILE A 253 -1.72 -8.92 -11.71
C ILE A 253 -1.89 -8.77 -13.21
N HIS A 254 -1.74 -9.88 -13.94
CA HIS A 254 -2.04 -9.91 -15.37
C HIS A 254 -3.51 -10.24 -15.66
N SER A 255 -4.30 -10.45 -14.60
CA SER A 255 -5.74 -10.62 -14.77
C SER A 255 -6.35 -9.31 -15.27
N ASN A 256 -7.50 -9.39 -15.93
CA ASN A 256 -8.29 -8.20 -16.22
C ASN A 256 -9.41 -7.97 -15.24
N ASP A 257 -9.59 -8.90 -14.30
CA ASP A 257 -10.68 -8.79 -13.34
C ASP A 257 -10.34 -7.77 -12.27
N GLU A 258 -11.24 -6.82 -12.02
CA GLU A 258 -10.89 -5.75 -11.08
C GLU A 258 -10.74 -6.21 -9.64
N GLU A 259 -11.47 -7.25 -9.24
CA GLU A 259 -11.32 -7.74 -7.85
C GLU A 259 -9.98 -8.44 -7.66
N VAL A 260 -9.62 -9.31 -8.59
CA VAL A 260 -8.31 -9.96 -8.53
C VAL A 260 -7.20 -8.90 -8.53
N LEU A 261 -7.29 -7.94 -9.44
CA LEU A 261 -6.25 -6.90 -9.55
C LEU A 261 -6.17 -6.11 -8.25
N THR A 262 -7.32 -5.78 -7.68
CA THR A 262 -7.34 -5.02 -6.45
C THR A 262 -6.61 -5.74 -5.35
N ASP A 263 -6.97 -7.00 -5.10
CA ASP A 263 -6.37 -7.72 -3.96
C ASP A 263 -4.92 -8.10 -4.25
N ALA A 264 -4.61 -8.38 -5.51
CA ALA A 264 -3.22 -8.72 -5.86
C ALA A 264 -2.30 -7.52 -5.66
N CYS A 265 -2.77 -6.34 -6.06
CA CYS A 265 -1.99 -5.12 -5.86
C CYS A 265 -1.85 -4.77 -4.38
N TRP A 266 -2.91 -4.92 -3.58
CA TRP A 266 -2.79 -4.67 -2.14
C TRP A 266 -1.72 -5.59 -1.55
N ALA A 267 -1.73 -6.85 -1.98
CA ALA A 267 -0.78 -7.84 -1.45
C ALA A 267 0.65 -7.44 -1.81
N LEU A 268 0.86 -7.01 -3.05
CA LEU A 268 2.19 -6.58 -3.46
C LEU A 268 2.59 -5.31 -2.72
N SER A 269 1.61 -4.50 -2.36
CA SER A 269 1.89 -3.26 -1.64
C SER A 269 2.41 -3.58 -0.24
N TYR A 270 1.89 -4.64 0.36
CA TYR A 270 2.37 -5.08 1.68
C TYR A 270 3.76 -5.70 1.59
N LEU A 271 3.99 -6.52 0.57
CA LEU A 271 5.24 -7.21 0.41
C LEU A 271 6.39 -6.28 0.09
N SER A 272 6.08 -5.17 -0.59
CA SER A 272 7.12 -4.26 -1.05
C SER A 272 7.39 -3.17 0.01
N ASP A 273 6.65 -3.22 1.11
CA ASP A 273 6.79 -2.24 2.19
C ASP A 273 7.78 -2.72 3.24
N GLY A 274 9.03 -2.32 3.09
CA GLY A 274 10.07 -2.67 4.03
C GLY A 274 11.45 -2.36 3.49
N THR A 275 12.41 -3.19 3.85
CA THR A 275 13.79 -2.96 3.48
C THR A 275 14.06 -3.34 2.03
N ASN A 276 15.21 -2.92 1.52
CA ASN A 276 15.57 -3.09 0.14
C ASN A 276 15.66 -4.55 -0.28
N ASP A 277 15.96 -5.46 0.64
CA ASP A 277 15.91 -6.86 0.29
C ASP A 277 14.48 -7.25 -0.11
N LYS A 278 13.49 -6.79 0.61
CA LYS A 278 12.12 -7.08 0.27
C LYS A 278 11.77 -6.55 -1.13
N ILE A 279 12.10 -5.29 -1.36
CA ILE A 279 11.86 -4.66 -2.65
C ILE A 279 12.54 -5.43 -3.79
N GLN A 280 13.74 -5.94 -3.53
CA GLN A 280 14.49 -6.65 -4.54
C GLN A 280 13.73 -7.94 -4.90
N ALA A 281 13.19 -8.60 -3.90
CA ALA A 281 12.40 -9.80 -4.15
C ALA A 281 11.20 -9.50 -5.02
N VAL A 282 10.56 -8.37 -4.76
CA VAL A 282 9.38 -7.97 -5.54
C VAL A 282 9.75 -7.69 -6.98
N ILE A 283 10.80 -6.88 -7.17
CA ILE A 283 11.30 -6.61 -8.50
C ILE A 283 11.67 -7.89 -9.25
N GLU A 284 12.37 -8.79 -8.58
CA GLU A 284 12.83 -10.00 -9.27
C GLU A 284 11.69 -10.91 -9.67
N ALA A 285 10.51 -10.71 -9.08
CA ALA A 285 9.32 -11.44 -9.47
C ALA A 285 8.82 -10.96 -10.83
N GLY A 286 9.36 -9.84 -11.31
CA GLY A 286 9.06 -9.37 -12.66
C GLY A 286 7.84 -8.46 -12.77
N VAL A 287 7.40 -7.89 -11.65
CA VAL A 287 6.10 -7.19 -11.63
C VAL A 287 6.17 -5.70 -12.09
N CYS A 288 7.36 -5.14 -12.23
CA CYS A 288 7.43 -3.68 -12.51
C CYS A 288 6.68 -3.24 -13.76
N PRO A 289 6.89 -3.92 -14.89
CA PRO A 289 6.21 -3.44 -16.11
C PRO A 289 4.68 -3.39 -15.93
N ARG A 290 4.11 -4.46 -15.37
CA ARG A 290 2.67 -4.54 -15.26
C ARG A 290 2.13 -3.54 -14.22
N LEU A 291 2.88 -3.33 -13.16
CA LEU A 291 2.49 -2.38 -12.14
C LEU A 291 2.41 -0.98 -12.73
N VAL A 292 3.36 -0.62 -13.59
CA VAL A 292 3.32 0.67 -14.24
C VAL A 292 2.10 0.79 -15.17
N GLU A 293 1.78 -0.28 -15.91
CA GLU A 293 0.54 -0.31 -16.70
C GLU A 293 -0.65 0.01 -15.82
N LEU A 294 -0.64 -0.52 -14.61
CA LEU A 294 -1.80 -0.44 -13.75
C LEU A 294 -1.94 0.94 -13.17
N LEU A 295 -0.90 1.74 -13.29
CA LEU A 295 -0.98 3.15 -12.92
C LEU A 295 -2.03 3.83 -13.77
N LEU A 296 -2.32 3.24 -14.93
CA LEU A 296 -3.27 3.80 -15.87
C LEU A 296 -4.66 3.16 -15.80
N HIS A 297 -4.88 2.31 -14.81
CA HIS A 297 -6.16 1.68 -14.65
C HIS A 297 -7.25 2.67 -14.28
N PRO A 298 -8.38 2.61 -14.95
CA PRO A 298 -9.48 3.55 -14.71
C PRO A 298 -10.15 3.43 -13.32
N SER A 299 -10.09 2.25 -12.73
CA SER A 299 -10.65 2.10 -11.39
C SER A 299 -9.69 2.50 -10.26
N PRO A 300 -10.12 3.43 -9.41
CA PRO A 300 -9.30 3.82 -8.25
C PRO A 300 -9.02 2.64 -7.33
N SER A 301 -9.91 1.66 -7.28
CA SER A 301 -9.65 0.47 -6.45
C SER A 301 -8.43 -0.29 -6.90
N VAL A 302 -8.11 -0.22 -8.19
CA VAL A 302 -6.90 -0.86 -8.70
C VAL A 302 -5.71 0.11 -8.66
N LEU A 303 -5.94 1.33 -9.13
CA LEU A 303 -4.92 2.36 -9.19
C LEU A 303 -4.23 2.61 -7.85
N ILE A 304 -5.01 2.71 -6.79
CA ILE A 304 -4.47 3.07 -5.47
C ILE A 304 -3.43 2.09 -4.95
N PRO A 305 -3.74 0.78 -4.92
CA PRO A 305 -2.71 -0.17 -4.44
C PRO A 305 -1.55 -0.34 -5.44
N ALA A 306 -1.83 -0.22 -6.75
CA ALA A 306 -0.74 -0.26 -7.72
C ALA A 306 0.25 0.87 -7.49
N LEU A 307 -0.27 2.07 -7.37
CA LEU A 307 0.50 3.28 -7.08
C LEU A 307 1.25 3.16 -5.75
N ARG A 308 0.60 2.63 -4.71
CA ARG A 308 1.29 2.39 -3.43
C ARG A 308 2.48 1.44 -3.59
N THR A 309 2.33 0.41 -4.44
CA THR A 309 3.40 -0.55 -4.65
C THR A 309 4.54 0.09 -5.42
N VAL A 310 4.21 0.87 -6.46
CA VAL A 310 5.24 1.54 -7.23
C VAL A 310 6.00 2.52 -6.30
N GLY A 311 5.24 3.21 -5.48
CA GLY A 311 5.80 4.17 -4.53
C GLY A 311 6.71 3.49 -3.53
N ASN A 312 6.32 2.31 -3.08
CA ASN A 312 7.14 1.52 -2.17
C ASN A 312 8.44 1.12 -2.83
N ILE A 313 8.37 0.67 -4.08
CA ILE A 313 9.56 0.21 -4.76
C ILE A 313 10.60 1.33 -4.95
N VAL A 314 10.13 2.54 -5.24
CA VAL A 314 11.04 3.66 -5.45
C VAL A 314 11.64 4.19 -4.15
N THR A 315 11.24 3.64 -3.00
CA THR A 315 11.91 3.97 -1.75
C THR A 315 13.22 3.20 -1.61
N GLY A 316 13.48 2.27 -2.51
CA GLY A 316 14.72 1.49 -2.48
C GLY A 316 15.89 2.27 -3.03
N ASP A 317 16.95 1.56 -3.38
CA ASP A 317 18.13 2.21 -3.89
C ASP A 317 17.94 2.65 -5.33
N ASP A 318 18.92 3.37 -5.86
CA ASP A 318 18.80 3.94 -7.19
C ASP A 318 18.58 2.89 -8.28
N ALA A 319 19.28 1.79 -8.21
CA ALA A 319 19.07 0.71 -9.19
C ALA A 319 17.61 0.16 -9.15
N GLN A 320 17.06 0.00 -7.98
CA GLN A 320 15.70 -0.44 -7.78
C GLN A 320 14.72 0.57 -8.36
N THR A 321 14.92 1.82 -8.02
CA THR A 321 14.13 2.91 -8.56
C THR A 321 14.18 2.94 -10.09
N GLN A 322 15.34 2.65 -10.66
CA GLN A 322 15.50 2.67 -12.10
C GLN A 322 14.62 1.60 -12.81
N CYS A 323 14.30 0.52 -12.09
CA CYS A 323 13.49 -0.52 -12.69
C CYS A 323 12.08 0.01 -12.95
N ILE A 324 11.66 0.99 -12.16
CA ILE A 324 10.34 1.61 -12.38
C ILE A 324 10.43 2.66 -13.49
N ILE A 325 11.46 3.50 -13.40
CA ILE A 325 11.71 4.53 -14.40
C ILE A 325 11.83 3.94 -15.81
N ASP A 326 12.51 2.80 -15.92
CA ASP A 326 12.73 2.17 -17.22
C ASP A 326 11.43 1.78 -17.94
N HIS A 327 10.31 1.69 -17.22
CA HIS A 327 9.06 1.37 -17.91
C HIS A 327 8.09 2.51 -18.06
N GLN A 328 8.63 3.71 -18.29
CA GLN A 328 7.84 4.91 -18.56
C GLN A 328 6.84 5.22 -17.46
N ALA A 329 7.24 4.96 -16.22
CA ALA A 329 6.44 5.33 -15.07
C ALA A 329 6.26 6.85 -14.95
N LEU A 330 7.26 7.66 -15.32
CA LEU A 330 7.17 9.09 -15.02
C LEU A 330 6.07 9.76 -15.86
N PRO A 331 5.96 9.42 -17.15
CA PRO A 331 4.79 9.94 -17.89
C PRO A 331 3.44 9.47 -17.33
N CYS A 332 3.32 8.19 -16.91
CA CYS A 332 2.11 7.75 -16.17
C CYS A 332 1.84 8.59 -14.90
N LEU A 333 2.86 8.76 -14.08
CA LEU A 333 2.70 9.53 -12.86
C LEU A 333 2.29 10.99 -13.20
N LEU A 334 2.85 11.55 -14.25
CA LEU A 334 2.47 12.89 -14.64
C LEU A 334 0.98 12.94 -14.93
N SER A 335 0.48 11.94 -15.63
CA SER A 335 -0.94 11.94 -15.98
C SER A 335 -1.82 11.87 -14.73
N LEU A 336 -1.29 11.31 -13.67
CA LEU A 336 -2.00 11.28 -12.40
C LEU A 336 -2.13 12.68 -11.79
N LEU A 337 -1.13 13.51 -12.03
CA LEU A 337 -1.16 14.90 -11.52
C LEU A 337 -2.11 15.78 -12.32
N THR A 338 -2.29 15.48 -13.61
CA THR A 338 -3.03 16.38 -14.46
C THR A 338 -4.46 15.96 -14.70
N GLN A 339 -4.81 14.73 -14.37
CA GLN A 339 -6.20 14.32 -14.39
C GLN A 339 -6.94 14.81 -13.14
N ASN A 340 -8.28 14.82 -13.20
CA ASN A 340 -9.11 15.18 -12.06
C ASN A 340 -9.32 14.00 -11.16
N LEU A 341 -8.33 13.69 -10.35
CA LEU A 341 -8.35 12.50 -9.55
C LEU A 341 -8.43 12.93 -8.12
N LYS A 342 -8.80 11.99 -7.27
CA LYS A 342 -8.85 12.24 -5.82
C LYS A 342 -7.54 12.84 -5.34
N LYS A 343 -7.64 13.72 -4.36
CA LYS A 343 -6.45 14.32 -3.75
C LYS A 343 -5.48 13.30 -3.18
N SER A 344 -5.97 12.18 -2.62
CA SER A 344 -5.11 11.17 -2.04
C SER A 344 -4.27 10.47 -3.10
N ILE A 345 -4.84 10.33 -4.29
CA ILE A 345 -4.09 9.85 -5.42
C ILE A 345 -2.96 10.80 -5.86
N LYS A 346 -3.26 12.08 -6.03
CA LYS A 346 -2.22 13.05 -6.39
C LYS A 346 -1.14 13.11 -5.33
N LYS A 347 -1.57 13.04 -4.08
CA LYS A 347 -0.66 13.04 -2.97
C LYS A 347 0.33 11.90 -3.13
N GLU A 348 -0.18 10.69 -3.34
CA GLU A 348 0.69 9.53 -3.44
C GLU A 348 1.59 9.60 -4.68
N ALA A 349 1.08 10.17 -5.77
CA ALA A 349 1.90 10.32 -6.97
C ALA A 349 3.05 11.30 -6.70
N CYS A 350 2.76 12.37 -5.98
CA CYS A 350 3.81 13.35 -5.64
C CYS A 350 4.84 12.71 -4.70
N TRP A 351 4.36 11.89 -3.79
CA TRP A 351 5.23 11.13 -2.91
C TRP A 351 6.17 10.24 -3.70
N THR A 352 5.63 9.50 -4.66
CA THR A 352 6.42 8.63 -5.54
C THR A 352 7.45 9.45 -6.33
N ILE A 353 7.01 10.57 -6.90
CA ILE A 353 7.93 11.43 -7.63
C ILE A 353 9.07 11.87 -6.70
N SER A 354 8.73 12.22 -5.47
CA SER A 354 9.72 12.73 -4.54
C SER A 354 10.80 11.73 -4.25
N ASN A 355 10.44 10.45 -4.24
CA ASN A 355 11.43 9.42 -4.02
C ASN A 355 12.23 9.10 -5.28
N ILE A 356 11.74 9.56 -6.43
CA ILE A 356 12.53 9.53 -7.65
C ILE A 356 13.50 10.73 -7.73
N THR A 357 13.03 11.92 -7.35
CA THR A 357 13.92 13.08 -7.31
C THR A 357 14.92 13.02 -6.16
N ALA A 358 14.77 12.04 -5.28
CA ALA A 358 15.77 11.79 -4.26
C ALA A 358 16.89 10.90 -4.79
N GLY A 359 16.82 10.58 -6.09
CA GLY A 359 17.77 9.68 -6.71
C GLY A 359 18.97 10.42 -7.30
N ASN A 360 19.63 9.79 -8.25
CA ASN A 360 20.80 10.38 -8.87
C ASN A 360 20.40 11.41 -9.94
N LYS A 361 21.38 12.06 -10.54
CA LYS A 361 21.10 13.18 -11.44
C LYS A 361 20.45 12.70 -12.73
N ASP A 362 20.72 11.47 -13.14
CA ASP A 362 20.02 10.91 -14.32
C ASP A 362 18.52 10.69 -14.06
N GLN A 363 18.21 10.32 -12.83
CA GLN A 363 16.83 10.13 -12.42
C GLN A 363 16.10 11.47 -12.32
N ILE A 364 16.76 12.48 -11.75
CA ILE A 364 16.17 13.83 -11.72
C ILE A 364 15.95 14.28 -13.17
N GLN A 365 16.90 13.98 -14.05
CA GLN A 365 16.78 14.38 -15.44
C GLN A 365 15.58 13.71 -16.12
N ALA A 366 15.30 12.47 -15.77
CA ALA A 366 14.17 11.72 -16.33
C ALA A 366 12.84 12.37 -15.90
N VAL A 367 12.79 12.88 -14.68
CA VAL A 367 11.62 13.63 -14.17
C VAL A 367 11.46 14.91 -14.98
N ILE A 368 12.56 15.62 -15.19
CA ILE A 368 12.54 16.83 -16.01
C ILE A 368 12.09 16.55 -17.45
N ASN A 369 12.69 15.55 -18.07
CA ASN A 369 12.38 15.17 -19.45
C ASN A 369 10.91 14.83 -19.66
N ALA A 370 10.32 14.17 -18.68
CA ALA A 370 8.91 13.76 -18.72
C ALA A 370 7.94 14.91 -18.70
N GLY A 371 8.42 16.09 -18.33
CA GLY A 371 7.58 17.26 -18.25
C GLY A 371 6.87 17.44 -16.92
N ILE A 372 7.44 16.89 -15.84
CA ILE A 372 6.77 16.91 -14.55
C ILE A 372 6.92 18.22 -13.77
N ILE A 373 8.02 18.92 -13.97
CA ILE A 373 8.33 20.06 -13.10
C ILE A 373 7.30 21.20 -13.11
N GLY A 374 6.84 21.62 -14.29
CA GLY A 374 5.82 22.66 -14.37
C GLY A 374 4.57 22.35 -13.55
N PRO A 375 3.94 21.19 -13.82
CA PRO A 375 2.71 20.79 -13.09
C PRO A 375 2.97 20.61 -11.60
N LEU A 376 4.17 20.12 -11.29
CA LEU A 376 4.55 19.91 -9.91
C LEU A 376 4.70 21.27 -9.19
N VAL A 377 5.30 22.25 -9.86
CA VAL A 377 5.42 23.58 -9.28
C VAL A 377 4.03 24.18 -9.05
N ASN A 378 3.14 23.97 -10.01
CA ASN A 378 1.77 24.48 -9.89
C ASN A 378 1.07 23.85 -8.71
N LEU A 379 1.24 22.54 -8.50
CA LEU A 379 0.66 21.90 -7.32
C LEU A 379 1.25 22.49 -6.02
N LEU A 380 2.55 22.69 -6.02
CA LEU A 380 3.23 23.23 -4.86
C LEU A 380 2.67 24.61 -4.50
N GLN A 381 2.25 25.36 -5.52
CA GLN A 381 1.70 26.69 -5.33
C GLN A 381 0.23 26.71 -4.90
N THR A 382 -0.57 25.78 -5.43
CA THR A 382 -2.03 25.88 -5.37
C THR A 382 -2.81 24.70 -4.83
N ALA A 383 -2.20 23.53 -4.66
CA ALA A 383 -2.94 22.33 -4.24
C ALA A 383 -3.31 22.35 -2.77
N GLU A 384 -4.15 21.40 -2.36
CA GLU A 384 -4.46 21.20 -0.95
C GLU A 384 -3.17 20.88 -0.26
N PHE A 385 -3.09 21.21 1.01
CA PHE A 385 -1.85 21.10 1.77
C PHE A 385 -1.19 19.72 1.74
N ASP A 386 -1.94 18.63 1.86
CA ASP A 386 -1.33 17.30 1.83
C ASP A 386 -0.58 17.05 0.50
N ILE A 387 -1.05 17.63 -0.59
CA ILE A 387 -0.39 17.50 -1.87
C ILE A 387 0.85 18.40 -1.88
N LYS A 388 0.67 19.67 -1.46
CA LYS A 388 1.79 20.62 -1.33
C LYS A 388 2.97 20.06 -0.58
N LYS A 389 2.72 19.35 0.51
CA LYS A 389 3.78 18.76 1.30
C LYS A 389 4.64 17.80 0.48
N GLU A 390 4.00 16.91 -0.27
CA GLU A 390 4.76 15.96 -1.05
C GLU A 390 5.47 16.66 -2.22
N ALA A 391 4.82 17.63 -2.83
CA ALA A 391 5.43 18.38 -3.93
C ALA A 391 6.66 19.12 -3.43
N ALA A 392 6.59 19.60 -2.19
CA ALA A 392 7.72 20.29 -1.56
C ALA A 392 8.92 19.39 -1.43
N TRP A 393 8.71 18.17 -0.93
CA TRP A 393 9.79 17.20 -0.84
C TRP A 393 10.34 16.88 -2.24
N ALA A 394 9.44 16.76 -3.22
CA ALA A 394 9.86 16.41 -4.58
C ALA A 394 10.80 17.48 -5.14
N ILE A 395 10.39 18.74 -5.03
CA ILE A 395 11.21 19.85 -5.56
C ILE A 395 12.47 19.98 -4.73
N SER A 396 12.31 19.95 -3.40
CA SER A 396 13.48 20.10 -2.55
C SER A 396 14.53 19.00 -2.79
N ASN A 397 14.07 17.74 -2.92
CA ASN A 397 14.98 16.63 -3.19
C ASN A 397 15.74 16.87 -4.48
N ALA A 398 15.04 17.39 -5.48
CA ALA A 398 15.67 17.67 -6.76
C ALA A 398 16.79 18.72 -6.63
N THR A 399 16.58 19.71 -5.76
CA THR A 399 17.58 20.75 -5.57
C THR A 399 18.77 20.19 -4.80
N SER A 400 18.53 19.14 -4.03
CA SER A 400 19.59 18.56 -3.25
C SER A 400 20.52 17.62 -4.04
N GLY A 401 19.98 16.82 -4.95
CA GLY A 401 20.79 15.84 -5.67
C GLY A 401 21.07 16.33 -7.08
N GLY A 402 20.43 17.41 -7.47
CA GLY A 402 20.45 17.85 -8.84
C GLY A 402 21.73 18.59 -9.18
N SER A 403 22.04 18.67 -10.46
CA SER A 403 23.15 19.50 -10.88
C SER A 403 22.80 20.98 -10.85
N HIS A 404 23.83 21.80 -10.87
CA HIS A 404 23.70 23.24 -11.02
C HIS A 404 22.71 23.61 -12.14
N ASP A 405 22.93 23.06 -13.32
CA ASP A 405 22.05 23.28 -14.47
C ASP A 405 20.61 22.80 -14.21
N GLN A 406 20.45 21.65 -13.58
CA GLN A 406 19.10 21.17 -13.28
C GLN A 406 18.37 22.14 -12.29
N ILE A 407 19.11 22.68 -11.33
CA ILE A 407 18.50 23.58 -10.35
C ILE A 407 18.05 24.84 -11.05
N LYS A 408 18.85 25.31 -12.00
CA LYS A 408 18.50 26.51 -12.74
C LYS A 408 17.22 26.29 -13.51
N TYR A 409 17.06 25.07 -14.01
CA TYR A 409 15.83 24.72 -14.70
C TYR A 409 14.63 24.75 -13.77
N LEU A 410 14.76 24.20 -12.56
CA LEU A 410 13.67 24.29 -11.59
C LEU A 410 13.27 25.76 -11.35
N VAL A 411 14.28 26.61 -11.22
CA VAL A 411 13.99 28.03 -10.98
C VAL A 411 13.26 28.61 -12.19
N SER A 412 13.69 28.24 -13.41
CA SER A 412 13.06 28.79 -14.61
C SER A 412 11.58 28.38 -14.67
N GLU A 413 11.24 27.28 -14.02
CA GLU A 413 9.87 26.81 -14.01
C GLU A 413 9.06 27.43 -12.89
N GLY A 414 9.66 28.35 -12.14
CA GLY A 414 8.94 29.13 -11.13
C GLY A 414 8.91 28.52 -9.73
N CYS A 415 9.86 27.66 -9.36
CA CYS A 415 9.78 27.04 -8.05
C CYS A 415 10.07 27.94 -6.84
N ILE A 416 10.70 29.08 -7.05
CA ILE A 416 11.11 29.89 -5.89
C ILE A 416 9.91 30.40 -5.06
N LYS A 417 8.98 31.05 -5.74
CA LYS A 417 7.88 31.64 -5.03
C LYS A 417 7.12 30.62 -4.16
N PRO A 418 6.72 29.48 -4.74
CA PRO A 418 5.96 28.55 -3.90
C PRO A 418 6.76 27.92 -2.76
N LEU A 419 8.06 27.73 -2.92
CA LEU A 419 8.89 27.34 -1.77
C LEU A 419 8.87 28.44 -0.67
N CYS A 420 9.00 29.70 -1.08
CA CYS A 420 8.99 30.81 -0.15
C CYS A 420 7.67 30.85 0.59
N ASP A 421 6.57 30.65 -0.13
CA ASP A 421 5.24 30.80 0.47
C ASP A 421 5.00 29.78 1.58
N LEU A 422 5.64 28.60 1.50
CA LEU A 422 5.49 27.57 2.52
C LEU A 422 6.34 27.77 3.75
N LEU A 423 7.19 28.79 3.76
CA LEU A 423 8.01 29.04 4.93
C LEU A 423 7.18 29.43 6.15
N ILE A 424 5.93 29.82 5.95
CA ILE A 424 5.06 30.15 7.07
C ILE A 424 4.10 29.04 7.41
N CYS A 425 4.28 27.87 6.84
CA CYS A 425 3.31 26.83 7.15
C CYS A 425 3.57 26.22 8.54
N PRO A 426 2.52 25.66 9.13
CA PRO A 426 2.64 25.21 10.53
C PRO A 426 3.39 23.89 10.69
N ASP A 427 3.75 23.22 9.59
CA ASP A 427 4.48 21.96 9.71
C ASP A 427 5.99 22.24 9.62
N ILE A 428 6.70 22.04 10.71
CA ILE A 428 8.10 22.44 10.74
C ILE A 428 8.98 21.61 9.83
N ARG A 429 8.61 20.36 9.56
CA ARG A 429 9.38 19.55 8.63
C ARG A 429 9.30 20.18 7.25
N ILE A 430 8.14 20.70 6.91
CA ILE A 430 7.96 21.28 5.58
C ILE A 430 8.69 22.62 5.50
N VAL A 431 8.69 23.39 6.56
CA VAL A 431 9.46 24.61 6.57
C VAL A 431 10.91 24.29 6.28
N THR A 432 11.43 23.29 6.95
CA THR A 432 12.83 22.91 6.82
C THR A 432 13.18 22.44 5.41
N VAL A 433 12.29 21.65 4.82
CA VAL A 433 12.46 21.18 3.46
C VAL A 433 12.52 22.32 2.45
N CYS A 434 11.68 23.32 2.68
CA CYS A 434 11.60 24.43 1.75
C CYS A 434 12.81 25.34 1.93
N LEU A 435 13.23 25.53 3.18
CA LEU A 435 14.41 26.34 3.46
C LEU A 435 15.68 25.69 2.88
N GLU A 436 15.77 24.36 2.97
CA GLU A 436 16.89 23.64 2.36
C GLU A 436 16.87 23.80 0.87
N GLY A 437 15.71 23.69 0.26
CA GLY A 437 15.60 23.88 -1.17
C GLY A 437 16.05 25.28 -1.58
N LEU A 438 15.60 26.29 -0.82
CA LEU A 438 15.99 27.68 -1.08
C LEU A 438 17.48 27.89 -0.92
N GLU A 439 18.08 27.24 0.08
CA GLU A 439 19.51 27.34 0.30
C GLU A 439 20.27 26.74 -0.88
N ASN A 440 19.80 25.60 -1.38
CA ASN A 440 20.45 24.97 -2.52
C ASN A 440 20.35 25.84 -3.74
N ILE A 441 19.21 26.51 -3.88
CA ILE A 441 18.99 27.44 -4.99
C ILE A 441 19.92 28.67 -4.87
N LEU A 442 20.03 29.21 -3.66
CA LEU A 442 20.91 30.36 -3.41
C LEU A 442 22.38 30.03 -3.77
N LYS A 443 22.82 28.83 -3.43
CA LYS A 443 24.19 28.36 -3.74
C LYS A 443 24.46 28.41 -5.23
N VAL A 444 23.48 27.97 -6.01
CA VAL A 444 23.59 27.97 -7.47
C VAL A 444 23.67 29.40 -8.01
N GLY A 445 22.78 30.25 -7.54
CA GLY A 445 22.81 31.65 -7.89
C GLY A 445 24.15 32.31 -7.58
N GLU A 446 24.77 31.89 -6.47
CA GLU A 446 26.02 32.45 -5.99
C GLU A 446 27.15 31.99 -6.87
N THR A 447 27.09 30.73 -7.27
CA THR A 447 28.07 30.19 -8.18
C THR A 447 28.01 30.93 -9.52
N ASP A 448 26.83 31.20 -10.03
CA ASP A 448 26.70 31.95 -11.28
C ASP A 448 27.34 33.32 -11.13
N LYS A 449 27.03 33.99 -10.02
CA LYS A 449 27.59 35.32 -9.73
C LYS A 449 29.12 35.27 -9.77
N THR A 450 29.69 34.30 -9.05
CA THR A 450 31.14 34.16 -8.94
C THR A 450 31.85 33.85 -10.26
N LEU A 451 31.27 32.98 -11.07
CA LEU A 451 31.94 32.57 -12.30
C LEU A 451 32.05 33.73 -13.29
N ALA A 452 31.06 34.60 -13.30
CA ALA A 452 31.07 35.79 -14.15
C ALA A 452 31.67 37.01 -13.47
N ALA A 453 32.05 36.87 -12.20
CA ALA A 453 32.51 37.99 -11.38
C ALA A 453 31.45 39.09 -11.35
N GLY A 454 30.20 38.68 -11.15
CA GLY A 454 29.07 39.59 -11.16
C GLY A 454 28.90 40.28 -9.83
N ASP A 455 27.94 41.19 -9.78
CA ASP A 455 27.67 41.98 -8.60
C ASP A 455 26.44 41.50 -7.85
N VAL A 456 25.58 40.71 -8.50
CA VAL A 456 24.40 40.24 -7.78
C VAL A 456 24.10 38.75 -7.97
N ASN A 457 23.53 38.17 -6.93
CA ASN A 457 23.02 36.80 -6.93
C ASN A 457 21.57 36.94 -7.38
N VAL A 458 21.30 36.55 -8.62
CA VAL A 458 19.98 36.74 -9.21
C VAL A 458 18.89 35.98 -8.44
N PHE A 459 19.23 34.81 -7.92
CA PHE A 459 18.26 34.04 -7.17
C PHE A 459 17.97 34.65 -5.81
N SER A 460 18.97 35.30 -5.21
CA SER A 460 18.71 36.03 -3.98
C SER A 460 17.71 37.17 -4.23
N GLN A 461 17.85 37.86 -5.36
CA GLN A 461 16.87 38.88 -5.75
C GLN A 461 15.49 38.29 -5.97
N MET A 462 15.41 37.12 -6.59
CA MET A 462 14.11 36.49 -6.80
C MET A 462 13.46 36.11 -5.49
N ILE A 463 14.28 35.64 -4.55
CA ILE A 463 13.77 35.27 -3.24
C ILE A 463 13.23 36.52 -2.52
N ASP A 464 13.99 37.60 -2.57
CA ASP A 464 13.53 38.89 -2.06
C ASP A 464 12.19 39.29 -2.72
N GLU A 465 12.12 39.24 -4.04
CA GLU A 465 10.90 39.65 -4.76
C GLU A 465 9.67 38.77 -4.45
N ALA A 466 9.89 37.50 -4.14
CA ALA A 466 8.78 36.61 -3.78
C ALA A 466 8.32 36.73 -2.33
N GLU A 467 8.93 37.67 -1.60
CA GLU A 467 8.70 37.87 -0.17
C GLU A 467 9.28 36.76 0.69
N GLY A 468 10.24 36.03 0.15
CA GLY A 468 10.87 34.94 0.87
C GLY A 468 11.89 35.47 1.84
N LEU A 469 12.55 36.57 1.49
CA LEU A 469 13.58 37.13 2.36
C LEU A 469 12.97 37.59 3.68
N GLU A 470 11.85 38.27 3.60
CA GLU A 470 11.23 38.72 4.84
C GLU A 470 10.78 37.53 5.67
N LYS A 471 10.36 36.45 5.02
CA LYS A 471 9.95 35.27 5.75
C LYS A 471 11.12 34.62 6.43
N ILE A 472 12.28 34.59 5.76
CA ILE A 472 13.48 34.01 6.35
C ILE A 472 13.96 34.85 7.55
N GLU A 473 13.88 36.17 7.42
CA GLU A 473 14.22 37.04 8.54
C GLU A 473 13.31 36.71 9.71
N ASN A 474 12.02 36.56 9.49
CA ASN A 474 11.13 36.23 10.56
C ASN A 474 11.35 34.88 11.18
N LEU A 475 12.02 33.97 10.48
CA LEU A 475 12.31 32.67 11.03
C LEU A 475 13.43 32.75 12.07
N GLN A 476 14.06 33.90 12.22
CA GLN A 476 14.98 34.10 13.33
C GLN A 476 14.25 34.09 14.65
N SER A 477 12.94 34.18 14.62
CA SER A 477 12.10 34.10 15.78
C SER A 477 11.48 32.74 16.00
N HIS A 478 11.91 31.75 15.24
CA HIS A 478 11.25 30.48 15.29
C HIS A 478 11.71 29.70 16.50
N ASP A 479 10.77 29.03 17.15
CA ASP A 479 11.09 28.21 18.32
C ASP A 479 12.10 27.11 17.97
N ASN A 480 11.69 26.16 17.14
CA ASN A 480 12.58 25.16 16.56
C ASN A 480 14.00 25.64 16.27
N ASN A 481 15.00 25.01 16.89
CA ASN A 481 16.41 25.43 16.75
C ASN A 481 17.02 25.18 15.37
N GLU A 482 16.60 24.10 14.71
CA GLU A 482 17.15 23.76 13.41
C GLU A 482 16.77 24.82 12.38
N ILE A 483 15.52 25.26 12.42
CA ILE A 483 15.04 26.28 11.50
C ILE A 483 15.79 27.57 11.75
N TYR A 484 15.88 27.92 13.03
CA TYR A 484 16.57 29.13 13.45
C TYR A 484 17.99 29.16 12.92
N GLU A 485 18.73 28.12 13.18
CA GLU A 485 20.12 28.08 12.76
C GLU A 485 20.31 28.20 11.26
N LYS A 486 19.48 27.50 10.49
CA LYS A 486 19.55 27.56 9.03
C LYS A 486 19.21 28.95 8.50
N ALA A 487 18.15 29.54 9.04
CA ALA A 487 17.76 30.88 8.63
C ALA A 487 18.94 31.84 8.84
N VAL A 488 19.52 31.79 10.03
CA VAL A 488 20.63 32.69 10.36
C VAL A 488 21.79 32.45 9.40
N LYS A 489 22.10 31.18 9.19
CA LYS A 489 23.17 30.82 8.29
C LYS A 489 22.88 31.36 6.90
N ILE A 490 21.63 31.23 6.45
CA ILE A 490 21.29 31.68 5.10
C ILE A 490 21.47 33.19 4.98
N LEU A 491 20.98 33.90 5.99
CA LEU A 491 21.02 35.36 5.98
C LEU A 491 22.47 35.83 6.02
N GLU A 492 23.25 35.17 6.86
CA GLU A 492 24.67 35.54 7.04
C GLU A 492 25.47 35.30 5.76
N ALA A 493 25.12 34.25 5.01
CA ALA A 493 25.84 33.93 3.79
C ALA A 493 25.41 34.79 2.59
N TYR A 494 24.14 35.19 2.53
CA TYR A 494 23.65 35.81 1.29
C TYR A 494 23.13 37.22 1.44
N TRP A 495 22.87 37.64 2.67
CA TRP A 495 22.38 38.98 2.90
C TRP A 495 23.11 39.67 4.05
N MET A 496 24.43 39.51 4.11
CA MET A 496 25.20 40.10 5.20
C MET A 496 25.27 41.62 5.05
#